data_8QS7
#
_entry.id   8QS7
#
_cell.length_a   62.377
_cell.length_b   149.389
_cell.length_c   76.700
_cell.angle_alpha   90.00
_cell.angle_beta   90.00
_cell.angle_gamma   90.00
#
_symmetry.space_group_name_H-M   'C 2 2 2'
#
loop_
_entity.id
_entity.type
_entity.pdbx_description
1 polymer '14-3-3 protein sigma'
2 polymer 'C-RAF peptide pS259'
3 non-polymer 'CHLORIDE ION'
4 non-polymer 'MAGNESIUM ION'
5 non-polymer 1-[8-(4-bromanyl-3-fluoranyl-phenyl)sulfonyl-5-oxa-2,8-diazaspiro[3.5]nonan-2-yl]-2-chloranyl-ethanone
6 water water
#
loop_
_entity_poly.entity_id
_entity_poly.type
_entity_poly.pdbx_seq_one_letter_code
_entity_poly.pdbx_strand_id
1 'polypeptide(L)'
;GAMGSMERASLIQKAKLAEQAERYEDMAAFMKGAVEKGEELSCEERNLLSVAYKNVVGGQRAAWRVLSSIEQKSNEEGSE
EKGPEVREYREKVETELQGVCDTVLGLLDSHLIKEAGDAESRVFYLKMKGDYYRYLAEVATGDDKKRIIDSARSAYQEAM
DISKKEMPPTNPIRLGLALNFSVFHYEIANSPEEAISLAKTTFDEAMADLHTLSEDSYKDSTLIMQLLRDNLTLWT
;
A
2 'polypeptide(L)' QRST(SEP)TPNVH P
#
loop_
_chem_comp.id
_chem_comp.type
_chem_comp.name
_chem_comp.formula
CL non-polymer 'CHLORIDE ION' 'Cl -1'
MG non-polymer 'MAGNESIUM ION' 'Mg 2'
WQX non-polymer 1-[8-(4-bromanyl-3-fluoranyl-phenyl)sulfonyl-5-oxa-2,8-diazaspiro[3.5]nonan-2-yl]-2-chloranyl-ethanone 'C14 H15 Br Cl F N2 O4 S'
#
# COMPACT_ATOMS: atom_id res chain seq x y z
N GLY A 1 -12.46 21.02 -5.21
CA GLY A 1 -11.81 20.19 -6.21
C GLY A 1 -12.66 19.97 -7.46
N ALA A 2 -12.07 19.30 -8.47
CA ALA A 2 -12.78 19.05 -9.72
C ALA A 2 -14.03 18.21 -9.53
N MET A 3 -14.13 17.49 -8.40
CA MET A 3 -15.21 16.55 -8.13
C MET A 3 -16.24 17.14 -7.19
N GLY A 4 -16.04 18.39 -6.74
CA GLY A 4 -16.85 18.96 -5.68
C GLY A 4 -18.32 19.08 -6.03
N SER A 5 -18.65 19.19 -7.32
CA SER A 5 -20.05 19.32 -7.71
C SER A 5 -20.77 17.99 -7.88
N MET A 6 -20.05 16.86 -7.85
CA MET A 6 -20.72 15.57 -8.04
C MET A 6 -21.18 14.92 -6.75
N GLU A 7 -22.34 14.29 -6.80
CA GLU A 7 -22.82 13.58 -5.61
C GLU A 7 -21.91 12.42 -5.27
N ARG A 8 -21.72 12.21 -3.96
CA ARG A 8 -20.92 11.08 -3.48
C ARG A 8 -21.30 9.76 -4.15
N ALA A 9 -22.59 9.44 -4.24
CA ALA A 9 -22.96 8.14 -4.81
C ALA A 9 -22.58 8.05 -6.28
N SER A 10 -22.65 9.17 -7.01
CA SER A 10 -22.25 9.18 -8.41
C SER A 10 -20.75 8.99 -8.54
N LEU A 11 -20.00 9.56 -7.61
CA LEU A 11 -18.55 9.38 -7.64
C LEU A 11 -18.18 7.91 -7.42
N ILE A 12 -18.83 7.25 -6.45
CA ILE A 12 -18.59 5.82 -6.23
C ILE A 12 -18.94 5.03 -7.47
N GLN A 13 -20.10 5.32 -8.06
CA GLN A 13 -20.56 4.61 -9.24
C GLN A 13 -19.57 4.78 -10.39
N LYS A 14 -19.04 6.00 -10.56
CA LYS A 14 -18.11 6.24 -11.65
C LYS A 14 -16.75 5.61 -11.36
N ALA A 15 -16.37 5.52 -10.08
CA ALA A 15 -15.12 4.79 -9.78
C ALA A 15 -15.25 3.33 -10.19
N LYS A 16 -16.43 2.74 -9.97
CA LYS A 16 -16.64 1.35 -10.37
C LYS A 16 -16.60 1.19 -11.89
N LEU A 17 -17.21 2.13 -12.62
CA LEU A 17 -17.11 2.13 -14.09
C LEU A 17 -15.66 2.29 -14.54
N ALA A 18 -14.93 3.23 -13.93
CA ALA A 18 -13.53 3.42 -14.31
C ALA A 18 -12.70 2.16 -14.06
N GLU A 19 -12.97 1.44 -12.97
CA GLU A 19 -12.29 0.17 -12.73
C GLU A 19 -12.58 -0.81 -13.86
N GLN A 20 -13.86 -0.90 -14.27
CA GLN A 20 -14.25 -1.80 -15.35
C GLN A 20 -13.55 -1.44 -16.65
N ALA A 21 -13.36 -0.16 -16.91
CA ALA A 21 -12.72 0.33 -18.13
C ALA A 21 -11.19 0.39 -18.02
N GLU A 22 -10.63 -0.03 -16.88
CA GLU A 22 -9.18 0.05 -16.60
C GLU A 22 -8.67 1.48 -16.74
N ARG A 23 -9.49 2.43 -16.31
CA ARG A 23 -9.10 3.84 -16.30
C ARG A 23 -8.75 4.21 -14.86
N TYR A 24 -7.52 3.87 -14.44
CA TYR A 24 -7.27 3.91 -12.99
C TYR A 24 -6.98 5.32 -12.50
N GLU A 25 -6.43 6.18 -13.35
CA GLU A 25 -6.29 7.58 -12.95
C GLU A 25 -7.66 8.21 -12.71
N ASP A 26 -8.61 8.03 -13.65
CA ASP A 26 -9.98 8.46 -13.42
C ASP A 26 -10.52 7.86 -12.12
N MET A 27 -10.28 6.56 -11.91
CA MET A 27 -10.94 5.98 -10.76
C MET A 27 -10.30 6.50 -9.48
N ALA A 28 -9.00 6.85 -9.50
CA ALA A 28 -8.42 7.49 -8.33
C ALA A 28 -9.01 8.87 -8.12
N ALA A 29 -9.23 9.61 -9.21
CA ALA A 29 -9.81 10.95 -9.10
C ALA A 29 -11.22 10.90 -8.52
N PHE A 30 -12.05 9.95 -8.99
CA PHE A 30 -13.39 9.77 -8.44
C PHE A 30 -13.36 9.42 -6.96
N MET A 31 -12.47 8.52 -6.55
CA MET A 31 -12.42 8.09 -5.15
C MET A 31 -11.91 9.22 -4.26
N LYS A 32 -10.94 10.01 -4.74
CA LYS A 32 -10.48 11.17 -3.98
C LYS A 32 -11.64 12.15 -3.76
N GLY A 33 -12.42 12.39 -4.81
CA GLY A 33 -13.61 13.22 -4.66
C GLY A 33 -14.60 12.64 -3.67
N ALA A 34 -14.77 11.32 -3.70
CA ALA A 34 -15.63 10.70 -2.70
C ALA A 34 -15.08 10.91 -1.30
N VAL A 35 -13.77 10.70 -1.12
CA VAL A 35 -13.19 10.86 0.22
C VAL A 35 -13.43 12.28 0.70
N GLU A 36 -13.31 13.24 -0.19
CA GLU A 36 -13.43 14.66 0.14
C GLU A 36 -14.84 15.05 0.57
N LYS A 37 -15.85 14.21 0.34
CA LYS A 37 -17.15 14.48 0.91
C LYS A 37 -17.14 14.42 2.44
N GLY A 38 -16.11 13.83 3.04
CA GLY A 38 -15.95 13.83 4.47
C GLY A 38 -16.72 12.77 5.22
N GLU A 39 -17.31 11.78 4.54
CA GLU A 39 -17.93 10.67 5.24
C GLU A 39 -17.01 9.45 5.22
N GLU A 40 -17.24 8.53 6.16
CA GLU A 40 -16.39 7.33 6.22
C GLU A 40 -16.54 6.53 4.93
N LEU A 41 -15.54 5.70 4.66
CA LEU A 41 -15.60 4.78 3.52
C LEU A 41 -15.85 3.39 4.06
N SER A 42 -16.80 2.68 3.45
CA SER A 42 -17.03 1.28 3.74
C SER A 42 -15.84 0.43 3.28
N CYS A 43 -15.84 -0.84 3.67
CA CYS A 43 -14.83 -1.79 3.20
C CYS A 43 -14.76 -1.82 1.67
N GLU A 44 -15.92 -1.93 1.00
CA GLU A 44 -15.95 -1.94 -0.46
C GLU A 44 -15.34 -0.67 -1.04
N GLU A 45 -15.62 0.48 -0.40
CA GLU A 45 -15.09 1.73 -0.94
C GLU A 45 -13.61 1.88 -0.64
N ARG A 46 -13.15 1.40 0.51
CA ARG A 46 -11.71 1.40 0.76
C ARG A 46 -11.00 0.57 -0.31
N ASN A 47 -11.62 -0.53 -0.74
CA ASN A 47 -11.00 -1.35 -1.79
C ASN A 47 -10.90 -0.57 -3.10
N LEU A 48 -11.93 0.22 -3.42
CA LEU A 48 -11.90 1.02 -4.65
C LEU A 48 -10.77 2.03 -4.59
N LEU A 49 -10.66 2.74 -3.45
CA LEU A 49 -9.59 3.71 -3.26
C LEU A 49 -8.22 3.05 -3.41
N SER A 50 -8.05 1.92 -2.73
CA SER A 50 -6.80 1.15 -2.78
C SER A 50 -6.47 0.72 -4.19
N VAL A 51 -7.41 0.06 -4.87
CA VAL A 51 -7.14 -0.45 -6.23
C VAL A 51 -6.75 0.68 -7.15
N ALA A 52 -7.44 1.82 -7.05
CA ALA A 52 -7.18 2.91 -7.98
C ALA A 52 -5.76 3.43 -7.80
N TYR A 53 -5.45 3.87 -6.58
CA TYR A 53 -4.15 4.47 -6.36
C TYR A 53 -3.02 3.47 -6.50
N LYS A 54 -3.23 2.20 -6.13
CA LYS A 54 -2.14 1.23 -6.27
C LYS A 54 -1.79 1.02 -7.73
N ASN A 55 -2.80 1.02 -8.61
CA ASN A 55 -2.58 0.89 -10.04
C ASN A 55 -1.79 2.07 -10.58
N VAL A 56 -2.19 3.27 -10.18
CA VAL A 56 -1.50 4.47 -10.63
C VAL A 56 -0.05 4.45 -10.19
N VAL A 57 0.18 4.32 -8.88
CA VAL A 57 1.54 4.40 -8.36
C VAL A 57 2.34 3.19 -8.80
N GLY A 58 1.68 2.03 -8.98
CA GLY A 58 2.38 0.85 -9.48
C GLY A 58 2.99 1.06 -10.86
N GLY A 59 2.24 1.69 -11.76
CA GLY A 59 2.78 1.99 -13.07
C GLY A 59 3.93 2.96 -13.01
N GLN A 60 3.86 3.94 -12.10
CA GLN A 60 4.97 4.88 -11.95
C GLN A 60 6.20 4.21 -11.34
N ARG A 61 5.99 3.34 -10.34
CA ARG A 61 7.14 2.62 -9.77
C ARG A 61 7.80 1.74 -10.82
N ALA A 62 7.00 1.01 -11.60
CA ALA A 62 7.56 0.18 -12.67
C ALA A 62 8.36 1.02 -13.66
N ALA A 63 7.82 2.18 -14.05
CA ALA A 63 8.54 3.06 -14.96
C ALA A 63 9.84 3.56 -14.34
N TRP A 64 9.75 4.02 -13.09
CA TRP A 64 10.92 4.52 -12.39
C TRP A 64 12.01 3.46 -12.31
N ARG A 65 11.64 2.20 -12.04
CA ARG A 65 12.64 1.14 -11.95
C ARG A 65 13.33 0.90 -13.28
N VAL A 66 12.56 0.94 -14.40
CA VAL A 66 13.17 0.81 -15.73
C VAL A 66 14.18 1.92 -15.96
N LEU A 67 13.76 3.17 -15.70
CA LEU A 67 14.61 4.31 -15.99
C LEU A 67 15.82 4.32 -15.09
N SER A 68 15.63 3.94 -13.81
CA SER A 68 16.72 3.93 -12.86
C SER A 68 17.76 2.88 -13.24
N SER A 69 17.32 1.74 -13.76
CA SER A 69 18.26 0.72 -14.19
C SER A 69 19.03 1.18 -15.43
N ILE A 70 18.35 1.83 -16.38
CA ILE A 70 19.04 2.40 -17.53
C ILE A 70 20.06 3.44 -17.07
N GLU A 71 19.67 4.23 -16.06
CA GLU A 71 20.54 5.27 -15.53
C GLU A 71 21.78 4.70 -14.86
N GLN A 72 21.60 3.72 -13.98
CA GLN A 72 22.75 3.15 -13.29
C GLN A 72 23.70 2.47 -14.27
N LYS A 73 23.14 1.82 -15.30
CA LYS A 73 23.96 1.09 -16.25
C LYS A 73 24.71 2.04 -17.19
N SER A 74 24.24 3.28 -17.36
CA SER A 74 25.00 4.29 -18.07
C SER A 74 25.95 5.05 -17.14
N ASN A 75 25.93 4.77 -15.84
CA ASN A 75 26.97 5.23 -14.92
C ASN A 75 28.12 4.23 -14.78
N GLU A 76 28.33 3.39 -15.80
CA GLU A 76 29.36 2.36 -15.78
C GLU A 76 30.41 2.58 -16.87
N GLY A 83 24.67 11.91 -22.04
CA GLY A 83 23.85 13.11 -21.89
C GLY A 83 23.00 13.11 -20.62
N PRO A 84 22.32 14.22 -20.34
CA PRO A 84 21.50 14.29 -19.14
C PRO A 84 20.11 13.66 -19.29
N GLU A 85 19.76 13.12 -20.46
CA GLU A 85 18.36 12.80 -20.77
C GLU A 85 17.80 11.70 -19.86
N VAL A 86 18.57 10.62 -19.63
CA VAL A 86 18.05 9.55 -18.76
C VAL A 86 17.73 10.09 -17.37
N ARG A 87 18.69 10.82 -16.76
CA ARG A 87 18.47 11.35 -15.42
C ARG A 87 17.28 12.31 -15.42
N GLU A 88 17.19 13.21 -16.40
CA GLU A 88 16.08 14.17 -16.45
C GLU A 88 14.73 13.46 -16.51
N TYR A 89 14.62 12.43 -17.34
CA TYR A 89 13.34 11.75 -17.47
C TYR A 89 13.04 10.92 -16.23
N ARG A 90 14.06 10.28 -15.64
CA ARG A 90 13.83 9.56 -14.38
C ARG A 90 13.38 10.52 -13.28
N GLU A 91 13.97 11.73 -13.26
CA GLU A 91 13.55 12.73 -12.28
C GLU A 91 12.11 13.17 -12.53
N LYS A 92 11.71 13.28 -13.80
CA LYS A 92 10.34 13.64 -14.13
C LYS A 92 9.34 12.60 -13.60
N VAL A 93 9.59 11.34 -13.89
CA VAL A 93 8.72 10.27 -13.39
C VAL A 93 8.76 10.22 -11.86
N GLU A 94 9.95 10.43 -11.29
CA GLU A 94 10.09 10.46 -9.84
C GLU A 94 9.21 11.53 -9.21
N THR A 95 9.27 12.75 -9.74
CA THR A 95 8.47 13.83 -9.21
C THR A 95 6.98 13.50 -9.27
N GLU A 96 6.54 12.83 -10.34
CA GLU A 96 5.13 12.52 -10.50
C GLU A 96 4.72 11.46 -9.48
N LEU A 97 5.58 10.46 -9.30
CA LEU A 97 5.32 9.41 -8.31
C LEU A 97 5.22 10.01 -6.92
N GLN A 98 6.16 10.90 -6.59
CA GLN A 98 6.11 11.56 -5.29
C GLN A 98 4.82 12.34 -5.12
N GLY A 99 4.38 13.00 -6.19
CA GLY A 99 3.15 13.79 -6.12
C GLY A 99 1.93 12.94 -5.82
N VAL A 100 1.89 11.72 -6.37
CA VAL A 100 0.78 10.82 -6.12
C VAL A 100 0.84 10.32 -4.69
N CYS A 101 2.04 9.98 -4.20
CA CYS A 101 2.15 9.53 -2.82
C CYS A 101 1.78 10.66 -1.86
N ASP A 102 2.14 11.90 -2.21
CA ASP A 102 1.77 13.03 -1.36
C ASP A 102 0.26 13.20 -1.34
N THR A 103 -0.38 13.01 -2.49
CA THR A 103 -1.84 13.09 -2.55
C THR A 103 -2.49 12.04 -1.65
N VAL A 104 -2.02 10.78 -1.73
CA VAL A 104 -2.58 9.73 -0.90
C VAL A 104 -2.33 10.02 0.58
N LEU A 105 -1.09 10.39 0.92
CA LEU A 105 -0.76 10.61 2.32
C LEU A 105 -1.52 11.80 2.87
N GLY A 106 -1.80 12.80 2.03
CA GLY A 106 -2.62 13.92 2.44
C GLY A 106 -4.06 13.53 2.68
N LEU A 107 -4.61 12.66 1.85
CA LEU A 107 -5.98 12.20 2.06
C LEU A 107 -6.09 11.39 3.34
N LEU A 108 -5.08 10.55 3.61
CA LEU A 108 -5.09 9.77 4.83
C LEU A 108 -5.09 10.69 6.03
N ASP A 109 -4.24 11.70 6.01
CA ASP A 109 -4.13 12.55 7.19
C ASP A 109 -5.31 13.51 7.31
N SER A 110 -5.76 14.08 6.19
CA SER A 110 -6.83 15.05 6.25
C SER A 110 -8.18 14.41 6.51
N HIS A 111 -8.39 13.19 6.05
CA HIS A 111 -9.77 12.72 5.99
C HIS A 111 -10.01 11.34 6.60
N LEU A 112 -9.06 10.40 6.44
CA LEU A 112 -9.35 8.98 6.65
C LEU A 112 -8.86 8.40 7.96
N ILE A 113 -7.65 8.77 8.41
CA ILE A 113 -7.08 8.24 9.64
C ILE A 113 -7.71 8.95 10.84
N LYS A 114 -8.28 8.18 11.75
CA LYS A 114 -8.83 8.79 12.95
C LYS A 114 -8.87 7.75 14.06
N GLU A 115 -9.28 8.22 15.26
CA GLU A 115 -9.33 7.36 16.45
C GLU A 115 -10.58 6.49 16.45
N ALA A 116 -11.69 6.98 15.90
CA ALA A 116 -12.91 6.19 15.83
C ALA A 116 -12.86 5.22 14.65
N GLY A 117 -13.93 4.45 14.50
CA GLY A 117 -14.05 3.50 13.41
C GLY A 117 -13.65 2.10 13.84
N ASP A 118 -14.03 1.12 13.01
CA ASP A 118 -13.72 -0.24 13.40
C ASP A 118 -12.23 -0.56 13.19
N ALA A 119 -11.83 -1.73 13.67
CA ALA A 119 -10.43 -2.12 13.59
C ALA A 119 -9.98 -2.25 12.14
N GLU A 120 -10.81 -2.82 11.27
CA GLU A 120 -10.44 -2.92 9.86
C GLU A 120 -10.06 -1.59 9.26
N SER A 121 -10.93 -0.57 9.42
CA SER A 121 -10.64 0.72 8.82
C SER A 121 -9.35 1.30 9.39
N ARG A 122 -9.18 1.23 10.71
CA ARG A 122 -8.02 1.87 11.30
C ARG A 122 -6.74 1.20 10.89
N VAL A 123 -6.74 -0.14 10.83
CA VAL A 123 -5.54 -0.87 10.43
C VAL A 123 -5.30 -0.63 8.94
N PHE A 124 -6.37 -0.65 8.15
CA PHE A 124 -6.19 -0.51 6.71
C PHE A 124 -5.55 0.83 6.37
N TYR A 125 -6.06 1.94 6.96
CA TYR A 125 -5.52 3.24 6.60
C TYR A 125 -4.09 3.40 7.09
N LEU A 126 -3.78 2.84 8.25
CA LEU A 126 -2.40 2.96 8.74
C LEU A 126 -1.46 2.11 7.91
N LYS A 127 -1.89 0.90 7.51
CA LYS A 127 -1.17 0.13 6.50
C LYS A 127 -0.97 0.95 5.23
N MET A 128 -2.03 1.61 4.73
CA MET A 128 -1.86 2.46 3.54
C MET A 128 -0.78 3.50 3.76
N LYS A 129 -0.82 4.17 4.92
CA LYS A 129 0.17 5.20 5.17
C LYS A 129 1.57 4.63 5.16
N GLY A 130 1.77 3.47 5.78
CA GLY A 130 3.07 2.82 5.72
C GLY A 130 3.50 2.51 4.29
N ASP A 131 2.57 2.02 3.47
CA ASP A 131 2.90 1.67 2.09
C ASP A 131 3.35 2.89 1.29
N TYR A 132 2.61 3.99 1.39
CA TYR A 132 2.94 5.11 0.52
C TYR A 132 4.19 5.86 1.01
N TYR A 133 4.48 5.81 2.31
CA TYR A 133 5.82 6.23 2.76
C TYR A 133 6.90 5.29 2.24
N ARG A 134 6.62 3.99 2.23
CA ARG A 134 7.57 3.04 1.68
C ARG A 134 7.84 3.35 0.20
N TYR A 135 6.80 3.72 -0.56
CA TYR A 135 7.02 4.04 -1.97
C TYR A 135 7.87 5.29 -2.11
N LEU A 136 7.63 6.30 -1.27
CA LEU A 136 8.50 7.48 -1.23
C LEU A 136 9.93 7.10 -0.86
N ALA A 137 10.07 6.14 0.07
CA ALA A 137 11.40 5.71 0.48
C ALA A 137 12.15 4.99 -0.64
N GLU A 138 11.44 4.30 -1.53
CA GLU A 138 12.09 3.62 -2.65
C GLU A 138 12.87 4.60 -3.56
N VAL A 139 12.45 5.86 -3.64
CA VAL A 139 13.12 6.83 -4.52
C VAL A 139 13.79 7.97 -3.73
N ALA A 140 13.87 7.89 -2.40
CA ALA A 140 14.43 9.00 -1.63
C ALA A 140 15.95 8.86 -1.45
N THR A 141 16.59 9.98 -1.09
CA THR A 141 18.03 10.00 -0.85
C THR A 141 18.50 10.64 0.47
N GLY A 142 18.12 11.88 0.77
CA GLY A 142 18.86 12.69 1.76
C GLY A 142 18.22 12.75 3.14
N ASP A 143 18.23 13.95 3.74
CA ASP A 143 17.49 14.17 4.98
C ASP A 143 16.00 13.92 4.81
N ASP A 144 15.50 14.02 3.57
CA ASP A 144 14.16 13.54 3.26
C ASP A 144 14.03 12.05 3.58
N LYS A 145 15.08 11.26 3.31
CA LYS A 145 14.96 9.81 3.31
C LYS A 145 14.84 9.23 4.72
N LYS A 146 15.56 9.81 5.68
CA LYS A 146 15.44 9.34 7.06
C LYS A 146 14.04 9.64 7.61
N ARG A 147 13.59 10.89 7.46
CA ARG A 147 12.23 11.26 7.83
C ARG A 147 11.22 10.25 7.28
N ILE A 148 11.35 9.91 5.98
CA ILE A 148 10.40 9.03 5.31
C ILE A 148 10.42 7.61 5.87
N ILE A 149 11.62 7.00 6.00
CA ILE A 149 11.69 5.62 6.46
C ILE A 149 11.12 5.47 7.87
N ASP A 150 11.38 6.42 8.75
CA ASP A 150 10.82 6.32 10.10
C ASP A 150 9.32 6.49 10.08
N SER A 151 8.82 7.39 9.24
CA SER A 151 7.38 7.60 9.13
C SER A 151 6.69 6.34 8.65
N ALA A 152 7.32 5.59 7.73
CA ALA A 152 6.78 4.32 7.28
C ALA A 152 6.75 3.30 8.42
N ARG A 153 7.89 3.10 9.08
CA ARG A 153 7.96 2.11 10.16
C ARG A 153 6.96 2.45 11.25
N SER A 154 6.85 3.74 11.59
CA SER A 154 5.94 4.20 12.62
C SER A 154 4.49 3.86 12.29
N ALA A 155 4.07 4.15 11.05
CA ALA A 155 2.70 3.84 10.64
C ALA A 155 2.45 2.34 10.63
N TYR A 156 3.42 1.56 10.12
CA TYR A 156 3.26 0.11 10.12
C TYR A 156 3.15 -0.43 11.55
N GLN A 157 3.91 0.16 12.47
CA GLN A 157 3.93 -0.37 13.83
C GLN A 157 2.60 -0.11 14.53
N GLU A 158 2.06 1.10 14.38
CA GLU A 158 0.71 1.38 14.89
C GLU A 158 -0.29 0.38 14.36
N ALA A 159 -0.25 0.14 13.05
CA ALA A 159 -1.18 -0.79 12.44
C ALA A 159 -1.00 -2.19 13.03
N MET A 160 0.24 -2.63 13.23
CA MET A 160 0.51 -3.97 13.76
C MET A 160 -0.05 -4.11 15.17
N ASP A 161 0.18 -3.10 16.01
CA ASP A 161 -0.28 -3.13 17.39
C ASP A 161 -1.78 -3.31 17.46
N ILE A 162 -2.51 -2.48 16.68
CA ILE A 162 -3.96 -2.59 16.62
C ILE A 162 -4.40 -3.95 16.07
N SER A 163 -3.76 -4.42 14.99
CA SER A 163 -4.25 -5.65 14.36
C SER A 163 -4.04 -6.87 15.26
N LYS A 164 -2.95 -6.90 16.02
CA LYS A 164 -2.69 -8.03 16.93
C LYS A 164 -3.66 -8.03 18.11
N LYS A 165 -4.20 -6.87 18.48
CA LYS A 165 -5.11 -6.74 19.61
C LYS A 165 -6.55 -7.00 19.22
N GLU A 166 -6.93 -6.64 17.99
CA GLU A 166 -8.32 -6.53 17.57
C GLU A 166 -8.73 -7.50 16.47
N MET A 167 -7.78 -8.13 15.77
CA MET A 167 -8.17 -8.94 14.63
C MET A 167 -7.68 -10.38 14.80
N PRO A 168 -8.38 -11.35 14.25
CA PRO A 168 -7.83 -12.72 14.24
C PRO A 168 -6.59 -12.78 13.37
N PRO A 169 -5.70 -13.74 13.63
CA PRO A 169 -4.44 -13.80 12.88
C PRO A 169 -4.61 -14.23 11.42
N THR A 170 -5.81 -14.65 10.98
CA THR A 170 -6.03 -14.88 9.55
C THR A 170 -6.68 -13.68 8.85
N ASN A 171 -7.02 -12.61 9.57
CA ASN A 171 -7.71 -11.50 8.94
C ASN A 171 -6.87 -10.96 7.77
N PRO A 172 -7.46 -10.81 6.58
CA PRO A 172 -6.63 -10.47 5.40
C PRO A 172 -5.97 -9.10 5.48
N ILE A 173 -6.59 -8.12 6.15
CA ILE A 173 -5.92 -6.83 6.36
C ILE A 173 -4.72 -7.00 7.27
N ARG A 174 -4.87 -7.77 8.35
CA ARG A 174 -3.75 -8.03 9.24
C ARG A 174 -2.63 -8.77 8.52
N LEU A 175 -3.00 -9.77 7.70
CA LEU A 175 -2.01 -10.53 6.93
C LEU A 175 -1.32 -9.63 5.90
N GLY A 176 -2.11 -8.86 5.15
CA GLY A 176 -1.51 -8.01 4.13
C GLY A 176 -0.62 -6.95 4.73
N LEU A 177 -1.03 -6.38 5.87
CA LEU A 177 -0.16 -5.46 6.60
C LEU A 177 1.16 -6.12 6.98
N ALA A 178 1.11 -7.33 7.56
CA ALA A 178 2.34 -7.99 7.98
C ALA A 178 3.22 -8.35 6.79
N LEU A 179 2.60 -8.85 5.72
CA LEU A 179 3.35 -9.04 4.48
C LEU A 179 4.05 -7.75 4.10
N ASN A 180 3.34 -6.61 4.10
CA ASN A 180 3.98 -5.40 3.58
C ASN A 180 5.01 -4.84 4.54
N PHE A 181 4.79 -5.01 5.85
CA PHE A 181 5.81 -4.61 6.81
C PHE A 181 7.08 -5.45 6.64
N SER A 182 6.94 -6.75 6.39
CA SER A 182 8.13 -7.57 6.22
C SER A 182 8.89 -7.18 4.96
N VAL A 183 8.18 -6.73 3.92
CA VAL A 183 8.86 -6.24 2.72
C VAL A 183 9.62 -4.95 3.02
N PHE A 184 8.99 -4.04 3.76
CA PHE A 184 9.70 -2.88 4.32
C PHE A 184 10.99 -3.30 5.00
N HIS A 185 10.91 -4.23 5.95
CA HIS A 185 12.12 -4.66 6.66
C HIS A 185 13.19 -5.13 5.68
N TYR A 186 12.80 -5.96 4.72
CA TYR A 186 13.80 -6.58 3.86
C TYR A 186 14.34 -5.57 2.85
N GLU A 187 13.43 -4.89 2.14
CA GLU A 187 13.82 -4.09 0.97
C GLU A 187 14.20 -2.66 1.33
N ILE A 188 13.65 -2.10 2.40
CA ILE A 188 13.81 -0.70 2.72
C ILE A 188 14.71 -0.50 3.94
N ALA A 189 14.56 -1.33 4.96
CA ALA A 189 15.24 -1.11 6.23
C ALA A 189 16.49 -1.96 6.39
N ASN A 190 16.84 -2.76 5.40
CA ASN A 190 18.05 -3.59 5.45
C ASN A 190 18.07 -4.50 6.68
N SER A 191 16.90 -5.03 7.06
CA SER A 191 16.74 -5.87 8.24
C SER A 191 16.19 -7.22 7.83
N PRO A 192 16.96 -8.02 7.09
CA PRO A 192 16.42 -9.30 6.60
C PRO A 192 15.91 -10.19 7.72
N GLU A 193 16.61 -10.22 8.84
CA GLU A 193 16.20 -11.07 9.95
C GLU A 193 14.86 -10.62 10.54
N GLU A 194 14.64 -9.30 10.71
CA GLU A 194 13.32 -8.82 11.11
C GLU A 194 12.24 -9.24 10.12
N ALA A 195 12.57 -9.22 8.82
CA ALA A 195 11.61 -9.55 7.78
C ALA A 195 11.26 -11.04 7.81
N ILE A 196 12.28 -11.91 7.82
CA ILE A 196 12.02 -13.35 7.94
C ILE A 196 11.28 -13.64 9.24
N SER A 197 11.67 -12.99 10.33
CA SER A 197 11.01 -13.22 11.61
C SER A 197 9.53 -12.84 11.52
N LEU A 198 9.23 -11.63 11.06
CA LEU A 198 7.85 -11.20 11.00
C LEU A 198 7.04 -12.10 10.06
N ALA A 199 7.60 -12.43 8.90
CA ALA A 199 6.85 -13.23 7.93
C ALA A 199 6.62 -14.64 8.48
N LYS A 200 7.62 -15.19 9.16
CA LYS A 200 7.50 -16.53 9.75
C LYS A 200 6.44 -16.55 10.85
N THR A 201 6.56 -15.64 11.83
CA THR A 201 5.54 -15.52 12.87
C THR A 201 4.14 -15.38 12.28
N THR A 202 4.00 -14.51 11.27
CA THR A 202 2.67 -14.25 10.71
C THR A 202 2.09 -15.49 10.06
N PHE A 203 2.89 -16.17 9.25
CA PHE A 203 2.39 -17.38 8.62
C PHE A 203 2.07 -18.44 9.67
N ASP A 204 2.98 -18.65 10.61
CA ASP A 204 2.76 -19.74 11.57
C ASP A 204 1.54 -19.45 12.45
N GLU A 205 1.34 -18.20 12.84
CA GLU A 205 0.21 -17.87 13.69
C GLU A 205 -1.12 -17.98 12.93
N ALA A 206 -1.14 -17.59 11.65
CA ALA A 206 -2.33 -17.82 10.85
C ALA A 206 -2.63 -19.31 10.74
N MET A 207 -1.58 -20.12 10.60
CA MET A 207 -1.78 -21.55 10.39
C MET A 207 -2.27 -22.16 11.71
N ALA A 208 -1.70 -21.68 12.81
CA ALA A 208 -2.07 -22.17 14.14
C ALA A 208 -3.53 -21.86 14.46
N ASP A 209 -4.07 -20.76 13.93
CA ASP A 209 -5.47 -20.42 14.18
C ASP A 209 -6.23 -20.37 12.85
N LEU A 210 -6.01 -21.40 12.02
CA LEU A 210 -6.63 -21.48 10.70
C LEU A 210 -8.14 -21.47 10.76
N HIS A 211 -8.73 -22.01 11.84
CA HIS A 211 -10.18 -22.03 12.00
C HIS A 211 -10.80 -20.62 12.07
N THR A 212 -10.01 -19.56 12.21
CA THR A 212 -10.54 -18.19 12.25
C THR A 212 -10.75 -17.58 10.85
N LEU A 213 -10.41 -18.30 9.79
CA LEU A 213 -10.74 -17.86 8.44
C LEU A 213 -12.22 -17.50 8.33
N SER A 214 -12.49 -16.41 7.60
CA SER A 214 -13.85 -15.93 7.45
C SER A 214 -14.45 -16.39 6.12
N GLU A 215 -15.72 -16.79 6.15
CA GLU A 215 -16.44 -17.16 4.94
C GLU A 215 -16.31 -16.13 3.82
N ASP A 216 -16.34 -14.84 4.15
CA ASP A 216 -16.38 -13.84 3.09
C ASP A 216 -15.00 -13.36 2.64
N SER A 217 -13.90 -13.87 3.24
CA SER A 217 -12.57 -13.39 2.85
C SER A 217 -11.47 -14.46 2.89
N TYR A 218 -11.81 -15.74 3.04
CA TYR A 218 -10.76 -16.75 3.21
C TYR A 218 -9.86 -16.87 1.98
N LYS A 219 -10.42 -16.65 0.77
CA LYS A 219 -9.56 -16.70 -0.41
C LYS A 219 -8.47 -15.64 -0.35
N ASP A 220 -8.81 -14.43 0.15
CA ASP A 220 -7.79 -13.40 0.33
C ASP A 220 -6.78 -13.81 1.38
N SER A 221 -7.24 -14.35 2.51
CA SER A 221 -6.31 -14.75 3.56
C SER A 221 -5.31 -15.77 3.01
N THR A 222 -5.81 -16.79 2.33
CA THR A 222 -4.93 -17.89 1.95
C THR A 222 -3.98 -17.45 0.84
N LEU A 223 -4.40 -16.47 0.04
CA LEU A 223 -3.48 -15.87 -0.92
C LEU A 223 -2.30 -15.20 -0.21
N ILE A 224 -2.58 -14.35 0.78
CA ILE A 224 -1.49 -13.68 1.48
C ILE A 224 -0.59 -14.68 2.21
N MET A 225 -1.18 -15.71 2.84
CA MET A 225 -0.26 -16.66 3.46
C MET A 225 0.65 -17.34 2.44
N GLN A 226 0.15 -17.63 1.24
CA GLN A 226 1.04 -18.15 0.20
C GLN A 226 2.13 -17.15 -0.17
N LEU A 227 1.79 -15.85 -0.22
CA LEU A 227 2.81 -14.86 -0.53
C LEU A 227 3.83 -14.71 0.59
N LEU A 228 3.39 -14.84 1.85
CA LEU A 228 4.35 -14.90 2.95
C LEU A 228 5.33 -16.07 2.75
N ARG A 229 4.79 -17.22 2.37
CA ARG A 229 5.63 -18.41 2.14
C ARG A 229 6.59 -18.20 0.98
N ASP A 230 6.12 -17.54 -0.09
CA ASP A 230 7.00 -17.28 -1.24
C ASP A 230 8.17 -16.38 -0.84
N ASN A 231 7.89 -15.31 -0.08
CA ASN A 231 8.97 -14.45 0.38
C ASN A 231 9.92 -15.19 1.29
N LEU A 232 9.39 -16.03 2.20
CA LEU A 232 10.26 -16.85 3.03
C LEU A 232 11.16 -17.74 2.19
N THR A 233 10.61 -18.36 1.14
CA THR A 233 11.41 -19.20 0.24
C THR A 233 12.48 -18.38 -0.45
N LEU A 234 12.09 -17.23 -1.00
CA LEU A 234 13.03 -16.31 -1.63
C LEU A 234 14.10 -15.85 -0.64
N TRP A 235 13.70 -15.58 0.60
CA TRP A 235 14.63 -15.02 1.58
C TRP A 235 15.50 -16.07 2.26
N THR A 236 15.32 -17.35 1.96
CA THR A 236 16.09 -18.44 2.57
C THR A 236 16.54 -19.49 1.54
N GLN B 1 15.64 -11.44 -7.55
CA GLN B 1 14.20 -11.27 -7.62
C GLN B 1 13.70 -10.34 -6.51
N ARG B 2 12.60 -9.65 -6.77
CA ARG B 2 12.07 -8.66 -5.85
C ARG B 2 11.06 -9.31 -4.90
N SER B 3 11.00 -8.81 -3.67
CA SER B 3 10.04 -9.34 -2.72
C SER B 3 8.61 -9.03 -3.19
N THR B 4 7.67 -9.91 -2.84
CA THR B 4 6.27 -9.67 -3.22
C THR B 4 5.48 -9.02 -2.11
N SEP B 5 4.77 -7.96 -2.44
CA SEP B 5 3.92 -7.28 -1.46
CB SEP B 5 4.13 -5.75 -1.49
OG SEP B 5 3.78 -5.24 -2.75
C SEP B 5 2.48 -7.63 -1.78
O SEP B 5 2.19 -8.40 -2.71
P SEP B 5 4.09 -3.66 -2.97
O1P SEP B 5 3.27 -2.77 -1.92
O2P SEP B 5 5.66 -3.40 -2.84
O3P SEP B 5 3.63 -3.40 -4.49
N THR B 6 1.56 -7.10 -0.97
CA THR B 6 0.15 -7.37 -1.14
C THR B 6 -0.31 -6.94 -2.52
N PRO B 7 -1.03 -7.80 -3.25
CA PRO B 7 -1.43 -7.47 -4.62
C PRO B 7 -2.75 -6.71 -4.64
N ASN B 8 -3.08 -6.18 -5.85
CA ASN B 8 -4.44 -5.70 -6.08
C ASN B 8 -5.42 -6.86 -6.24
N VAL B 9 -6.63 -6.70 -5.71
CA VAL B 9 -7.66 -7.73 -5.78
C VAL B 9 -9.04 -7.07 -5.75
N HIS B 10 -9.99 -7.68 -6.46
CA HIS B 10 -11.42 -7.31 -6.41
C HIS B 10 -11.78 -5.87 -6.87
CL CL C . 12.12 14.98 -19.13
MG MG D . 13.54 14.03 -7.29
MG MG E . 33.96 0.69 -25.53
MG MG F . -27.61 16.52 -3.51
C1 WQX G . -11.53 -3.45 4.06
C2 WQX G . -12.67 -4.42 4.29
C3 WQX G . -10.74 -4.63 1.92
C4 WQX G . -9.39 -4.04 1.50
C5 WQX G . -9.64 -2.86 2.46
C6 WQX G . -8.15 -4.79 1.93
C7 WQX G . -5.42 -6.41 1.05
C8 WQX G . -5.29 -6.41 -0.34
C10 WQX G . -5.46 -8.80 -0.37
C11 WQX G . -5.66 -8.77 1.01
C13 WQX G . -6.91 -3.44 0.10
C14 WQX G . -8.27 -2.81 -0.12
C12 WQX G . -5.66 -7.60 1.73
C9 WQX G . -5.28 -7.61 -1.04
F1 WQX G . -5.83 -9.92 1.66
N1 WQX G . -10.75 -3.63 3.01
N2 WQX G . -6.92 -4.33 1.29
O1 WQX G . -11.35 -2.50 4.83
O2 WQX G . -5.69 -5.12 3.31
O3 WQX G . -4.46 -4.03 1.44
O4 WQX G . -9.34 -3.73 0.13
S1 WQX G . -5.51 -4.88 1.90
BR1 WQX G . -5.48 -10.46 -1.30
#